data_4MFZ
#
_entry.id   4MFZ
#
_cell.length_a   53.599
_cell.length_b   68.442
_cell.length_c   94.980
_cell.angle_alpha   90.00
_cell.angle_beta   90.00
_cell.angle_gamma   90.00
#
_symmetry.space_group_name_H-M   'P 21 21 21'
#
loop_
_entity.id
_entity.type
_entity.pdbx_description
1 polymer 'Dbv8 protein'
2 non-polymer decanoyl-CoA
3 non-polymer 'SODIUM ION'
4 non-polymer 'SULFATE ION'
5 water water
#
_entity_poly.entity_id   1
_entity_poly.type   'polypeptide(L)'
_entity_poly.pdbx_seq_one_letter_code
;MGSSHHHHHHSSGLVPRGSHMDAESVRRQLRLGENATAWLSRLEELGPPPEPVRLPQGDEARDLLHRLEVPAPDVEEIVA
ATPGPDRDPALWWLLERAHHELVRHMGDYKVKVRGGPTLPYETGAAARYFHVYVFLATLPALRRFHATRDIPEATTWETL
TQLGESVAIHRRKYGEGGTNMPWWLTLLVRGLVYRLGRLQYNLAVAKDGTPVLGLHIPEVGGPLIPDIYYDSLRRARPFF
ERHFPEHGARAATGTSWLLDPQLAEYLAEDSHILQLRRGWTLLDSEPQDGDDAILEFVFRYNGQPLEELPQRSTLEKAVV
THLLAGRHWYQRSGRIELP
;
_entity_poly.pdbx_strand_id   A
#
loop_
_chem_comp.id
_chem_comp.type
_chem_comp.name
_chem_comp.formula
MFK non-polymer decanoyl-CoA 'C31 H54 N7 O17 P3 S'
NA non-polymer 'SODIUM ION' 'Na 1'
SO4 non-polymer 'SULFATE ION' 'O4 S -2'
#
# COMPACT_ATOMS: atom_id res chain seq x y z
N MET A 21 -27.86 -9.08 10.71
CA MET A 21 -27.11 -7.86 10.27
C MET A 21 -27.46 -7.44 8.84
N ASP A 22 -27.47 -6.14 8.57
CA ASP A 22 -27.63 -5.58 7.23
C ASP A 22 -26.80 -4.31 7.20
N ALA A 23 -26.81 -3.58 6.08
CA ALA A 23 -25.99 -2.36 5.98
C ALA A 23 -26.26 -1.33 7.07
N GLU A 24 -27.54 -1.15 7.45
CA GLU A 24 -27.89 -0.08 8.41
C GLU A 24 -27.42 -0.41 9.85
N SER A 25 -27.63 -1.64 10.31
CA SER A 25 -27.16 -2.03 11.62
C SER A 25 -25.64 -2.17 11.66
N VAL A 26 -25.01 -2.57 10.55
CA VAL A 26 -23.54 -2.62 10.51
C VAL A 26 -22.95 -1.23 10.61
N ARG A 27 -23.51 -0.25 9.88
CA ARG A 27 -23.13 1.16 10.08
C ARG A 27 -23.20 1.58 11.56
N ARG A 28 -24.34 1.29 12.19
CA ARG A 28 -24.58 1.71 13.54
C ARG A 28 -23.63 1.06 14.56
N GLN A 29 -23.43 -0.26 14.45
CA GLN A 29 -22.60 -0.97 15.43
C GLN A 29 -21.11 -0.67 15.33
N LEU A 30 -20.64 -0.41 14.10
CA LEU A 30 -19.20 -0.18 13.88
C LEU A 30 -18.85 1.30 13.92
N ARG A 31 -19.85 2.14 14.21
CA ARG A 31 -19.70 3.59 14.44
C ARG A 31 -19.25 4.34 13.19
N LEU A 32 -19.62 3.80 12.03
CA LEU A 32 -19.25 4.34 10.73
C LEU A 32 -20.01 5.63 10.35
N GLY A 33 -19.33 6.54 9.67
CA GLY A 33 -19.94 7.82 9.34
C GLY A 33 -20.85 7.61 8.15
N GLU A 34 -21.61 8.65 7.82
CA GLU A 34 -22.54 8.63 6.72
C GLU A 34 -21.87 8.44 5.36
N ASN A 35 -20.60 8.78 5.29
CA ASN A 35 -19.85 8.62 4.06
C ASN A 35 -19.44 7.18 3.74
N ALA A 36 -19.75 6.25 4.65
CA ALA A 36 -19.50 4.84 4.42
C ALA A 36 -20.72 4.22 3.73
N THR A 37 -21.80 4.98 3.59
CA THR A 37 -23.10 4.45 3.09
C THR A 37 -23.01 3.72 1.74
N ALA A 38 -22.38 4.35 0.75
CA ALA A 38 -22.33 3.79 -0.60
C ALA A 38 -21.48 2.52 -0.62
N TRP A 39 -20.39 2.49 0.14
CA TRP A 39 -19.60 1.26 0.18
C TRP A 39 -20.38 0.15 0.86
N LEU A 40 -21.03 0.44 1.98
CA LEU A 40 -21.88 -0.56 2.64
C LEU A 40 -23.02 -1.07 1.72
N SER A 41 -23.61 -0.18 0.93
CA SER A 41 -24.64 -0.58 -0.03
C SER A 41 -24.10 -1.59 -1.05
N ARG A 42 -22.91 -1.34 -1.57
CA ARG A 42 -22.21 -2.26 -2.46
C ARG A 42 -21.99 -3.66 -1.80
N LEU A 43 -21.45 -3.64 -0.58
CA LEU A 43 -21.23 -4.86 0.17
C LEU A 43 -22.53 -5.63 0.39
N GLU A 44 -23.59 -4.94 0.83
CA GLU A 44 -24.86 -5.62 1.08
C GLU A 44 -25.38 -6.34 -0.18
N GLU A 45 -25.26 -5.68 -1.33
CA GLU A 45 -25.69 -6.27 -2.60
C GLU A 45 -24.87 -7.49 -3.02
N LEU A 46 -23.55 -7.45 -2.81
CA LEU A 46 -22.70 -8.64 -3.08
C LEU A 46 -23.08 -9.86 -2.25
N GLY A 47 -23.36 -9.65 -0.96
CA GLY A 47 -23.62 -10.78 -0.08
C GLY A 47 -22.34 -11.59 0.22
N PRO A 48 -22.49 -12.73 0.92
CA PRO A 48 -21.33 -13.54 1.31
C PRO A 48 -20.63 -14.16 0.10
N PRO A 49 -19.31 -14.37 0.19
CA PRO A 49 -18.52 -14.96 -0.91
C PRO A 49 -18.92 -16.41 -1.23
N PRO A 50 -18.75 -16.85 -2.49
CA PRO A 50 -19.08 -18.24 -2.81
C PRO A 50 -18.17 -19.22 -2.07
N GLU A 51 -16.98 -18.75 -1.68
CA GLU A 51 -16.04 -19.53 -0.87
C GLU A 51 -15.98 -18.99 0.54
N PRO A 52 -16.40 -19.80 1.53
CA PRO A 52 -16.49 -19.32 2.91
C PRO A 52 -15.16 -18.71 3.38
N VAL A 53 -15.25 -17.65 4.21
CA VAL A 53 -14.07 -16.99 4.77
C VAL A 53 -13.45 -17.88 5.85
N ARG A 54 -12.15 -18.10 5.72
CA ARG A 54 -11.39 -18.85 6.69
C ARG A 54 -10.22 -17.95 7.12
N LEU A 55 -10.15 -17.55 8.38
CA LEU A 55 -8.98 -16.85 8.89
C LEU A 55 -8.09 -17.85 9.63
N PRO A 56 -6.75 -17.81 9.43
CA PRO A 56 -5.84 -18.62 10.26
C PRO A 56 -5.96 -18.25 11.75
N GLN A 57 -5.61 -19.17 12.61
CA GLN A 57 -5.80 -18.99 14.06
C GLN A 57 -4.54 -19.45 14.78
N GLY A 58 -4.35 -18.99 16.02
CA GLY A 58 -3.29 -19.54 16.87
C GLY A 58 -1.93 -19.46 16.20
N ASP A 59 -1.21 -20.58 16.20
CA ASP A 59 0.15 -20.62 15.64
C ASP A 59 0.24 -20.66 14.10
N GLU A 60 -0.84 -21.09 13.44
CA GLU A 60 -0.91 -20.99 11.99
C GLU A 60 -0.87 -19.50 11.64
N ALA A 61 -1.67 -18.69 12.34
CA ALA A 61 -1.68 -17.22 12.17
C ALA A 61 -0.29 -16.58 12.45
N ARG A 62 0.30 -16.87 13.62
CA ARG A 62 1.66 -16.39 13.95
C ARG A 62 2.63 -16.66 12.80
N ASP A 63 2.67 -17.92 12.34
CA ASP A 63 3.56 -18.35 11.25
C ASP A 63 3.35 -17.59 9.92
N LEU A 64 2.10 -17.49 9.49
CA LEU A 64 1.78 -16.73 8.30
C LEU A 64 2.17 -15.25 8.46
N LEU A 65 1.78 -14.64 9.60
CA LEU A 65 2.05 -13.21 9.80
C LEU A 65 3.56 -12.90 9.88
N HIS A 66 4.35 -13.83 10.42
CA HIS A 66 5.80 -13.69 10.42
C HIS A 66 6.34 -13.72 9.02
N ARG A 67 5.85 -14.67 8.24
CA ARG A 67 6.23 -14.79 6.84
C ARG A 67 5.86 -13.49 6.10
N LEU A 68 4.79 -12.83 6.51
CA LEU A 68 4.33 -11.57 5.89
C LEU A 68 5.09 -10.37 6.47
N GLU A 69 6.05 -10.67 7.35
CA GLU A 69 6.93 -9.66 7.98
C GLU A 69 6.21 -8.62 8.87
N VAL A 70 5.14 -9.06 9.52
CA VAL A 70 4.45 -8.24 10.49
C VAL A 70 5.30 -8.21 11.77
N PRO A 71 5.51 -7.02 12.38
CA PRO A 71 6.34 -6.99 13.59
C PRO A 71 5.64 -7.64 14.80
N ALA A 72 6.45 -8.16 15.73
CA ALA A 72 6.01 -8.99 16.88
C ALA A 72 4.92 -8.43 17.81
N PRO A 73 5.02 -7.13 18.22
CA PRO A 73 3.93 -6.63 19.08
C PRO A 73 2.55 -6.71 18.37
N ASP A 74 2.55 -6.49 17.06
CA ASP A 74 1.30 -6.53 16.31
C ASP A 74 0.80 -7.94 16.07
N VAL A 75 1.71 -8.87 15.81
CA VAL A 75 1.35 -10.25 15.58
C VAL A 75 0.42 -10.75 16.69
N GLU A 76 0.86 -10.61 17.94
CA GLU A 76 0.08 -11.05 19.09
C GLU A 76 -1.30 -10.37 19.21
N GLU A 77 -1.33 -9.05 18.98
CA GLU A 77 -2.61 -8.33 18.97
C GLU A 77 -3.54 -8.84 17.86
N ILE A 78 -3.00 -8.99 16.65
CA ILE A 78 -3.77 -9.48 15.51
C ILE A 78 -4.33 -10.86 15.76
N VAL A 79 -3.47 -11.75 16.25
CA VAL A 79 -3.89 -13.10 16.61
C VAL A 79 -5.00 -13.11 17.70
N ALA A 80 -4.78 -12.39 18.81
CA ALA A 80 -5.79 -12.29 19.89
C ALA A 80 -7.14 -11.75 19.42
N ALA A 81 -7.13 -10.82 18.48
CA ALA A 81 -8.34 -10.13 18.08
C ALA A 81 -9.09 -10.79 16.94
N THR A 82 -8.56 -11.87 16.37
CA THR A 82 -9.15 -12.49 15.18
C THR A 82 -10.67 -12.57 15.35
N PRO A 83 -11.46 -11.91 14.48
CA PRO A 83 -12.93 -11.93 14.66
C PRO A 83 -13.53 -13.30 14.28
N GLY A 84 -14.76 -13.58 14.73
CA GLY A 84 -15.50 -14.76 14.22
C GLY A 84 -16.97 -14.41 13.93
N PRO A 85 -17.73 -15.32 13.26
CA PRO A 85 -19.14 -15.01 12.92
C PRO A 85 -20.05 -14.76 14.14
N ASP A 86 -19.90 -15.57 15.19
CA ASP A 86 -20.71 -15.41 16.41
C ASP A 86 -20.15 -14.36 17.39
N ARG A 87 -18.82 -14.24 17.49
CA ARG A 87 -18.17 -13.28 18.41
C ARG A 87 -18.23 -11.84 17.91
N ASP A 88 -18.15 -11.64 16.58
CA ASP A 88 -18.16 -10.31 15.99
C ASP A 88 -19.12 -10.27 14.80
N PRO A 89 -20.45 -10.29 15.04
CA PRO A 89 -21.42 -10.37 13.92
C PRO A 89 -21.33 -9.24 12.93
N ALA A 90 -21.14 -8.00 13.38
CA ALA A 90 -21.14 -6.86 12.47
C ALA A 90 -19.85 -6.81 11.66
N LEU A 91 -18.72 -6.94 12.35
N LEU A 91 -18.71 -6.94 12.34
CA LEU A 91 -17.42 -6.97 11.66
CA LEU A 91 -17.44 -6.96 11.63
C LEU A 91 -17.30 -8.16 10.70
C LEU A 91 -17.29 -8.16 10.69
N TRP A 92 -17.78 -9.33 11.13
CA TRP A 92 -17.82 -10.50 10.27
C TRP A 92 -18.64 -10.26 8.99
N TRP A 93 -19.80 -9.60 9.11
CA TRP A 93 -20.63 -9.32 7.92
C TRP A 93 -19.81 -8.49 6.96
N LEU A 94 -19.16 -7.46 7.50
CA LEU A 94 -18.30 -6.58 6.74
C LEU A 94 -17.09 -7.29 6.05
N LEU A 95 -16.40 -8.14 6.81
CA LEU A 95 -15.21 -8.86 6.33
C LEU A 95 -15.57 -9.78 5.15
N GLU A 96 -16.65 -10.51 5.35
CA GLU A 96 -17.20 -11.42 4.35
C GLU A 96 -17.44 -10.72 3.01
N ARG A 97 -18.17 -9.62 3.09
CA ARG A 97 -18.58 -8.87 1.89
C ARG A 97 -17.43 -8.05 1.29
N ALA A 98 -16.59 -7.46 2.12
CA ALA A 98 -15.34 -6.83 1.65
C ALA A 98 -14.44 -7.82 0.90
N HIS A 99 -14.24 -9.00 1.46
CA HIS A 99 -13.48 -10.06 0.78
C HIS A 99 -14.11 -10.43 -0.56
N HIS A 100 -15.43 -10.51 -0.57
CA HIS A 100 -16.17 -10.86 -1.77
C HIS A 100 -15.89 -9.86 -2.86
N GLU A 101 -15.91 -8.56 -2.50
CA GLU A 101 -15.66 -7.45 -3.41
C GLU A 101 -14.29 -7.62 -4.10
N LEU A 102 -13.29 -8.10 -3.35
CA LEU A 102 -11.92 -8.29 -3.88
C LEU A 102 -11.76 -9.50 -4.78
N VAL A 103 -12.45 -10.61 -4.51
CA VAL A 103 -12.34 -11.75 -5.43
C VAL A 103 -13.15 -11.57 -6.71
N ARG A 104 -14.23 -10.80 -6.62
CA ARG A 104 -15.12 -10.50 -7.75
C ARG A 104 -14.45 -9.77 -8.95
N HIS A 105 -13.50 -8.86 -8.70
CA HIS A 105 -12.68 -8.28 -9.78
C HIS A 105 -11.22 -8.54 -9.60
N MET A 106 -10.90 -9.70 -9.08
CA MET A 106 -9.54 -10.16 -8.90
C MET A 106 -8.75 -10.03 -10.20
N GLY A 107 -7.68 -9.25 -10.14
CA GLY A 107 -6.74 -9.19 -11.26
C GLY A 107 -7.17 -8.34 -12.42
N ASP A 108 -8.29 -7.62 -12.27
CA ASP A 108 -8.84 -6.87 -13.39
C ASP A 108 -8.54 -5.40 -13.24
N TYR A 109 -7.53 -4.93 -13.99
CA TYR A 109 -7.06 -3.54 -13.87
C TYR A 109 -7.97 -2.49 -14.55
N LYS A 110 -8.97 -2.94 -15.30
CA LYS A 110 -9.96 -2.04 -15.91
C LYS A 110 -11.16 -1.69 -14.99
N VAL A 111 -11.15 -2.15 -13.74
CA VAL A 111 -12.22 -1.78 -12.81
C VAL A 111 -11.58 -1.13 -11.56
N LYS A 112 -12.09 0.02 -11.16
CA LYS A 112 -11.60 0.63 -9.94
C LYS A 112 -12.27 -0.05 -8.77
N VAL A 113 -11.46 -0.54 -7.82
CA VAL A 113 -12.02 -1.09 -6.58
C VAL A 113 -11.40 -0.35 -5.40
N ARG A 114 -12.16 0.56 -4.83
CA ARG A 114 -11.83 1.12 -3.54
C ARG A 114 -12.22 0.06 -2.51
N GLY A 115 -11.27 -0.32 -1.67
CA GLY A 115 -11.58 -1.16 -0.52
C GLY A 115 -12.34 -0.30 0.46
N GLY A 116 -12.48 -0.73 1.69
CA GLY A 116 -13.12 0.17 2.65
C GLY A 116 -12.19 1.28 3.12
N PRO A 117 -12.73 2.19 3.95
CA PRO A 117 -11.89 3.15 4.65
C PRO A 117 -11.22 2.46 5.86
N THR A 118 -10.33 3.18 6.54
CA THR A 118 -9.93 2.77 7.87
C THR A 118 -11.15 2.90 8.76
N LEU A 119 -11.46 1.85 9.51
CA LEU A 119 -12.61 1.78 10.43
C LEU A 119 -12.38 2.53 11.74
N PRO A 120 -13.47 2.96 12.43
CA PRO A 120 -13.32 3.59 13.74
C PRO A 120 -12.72 2.61 14.72
N TYR A 121 -11.69 3.05 15.44
CA TYR A 121 -10.97 2.15 16.36
C TYR A 121 -11.64 1.94 17.71
N GLU A 122 -12.62 2.76 18.08
CA GLU A 122 -13.26 2.62 19.42
C GLU A 122 -14.02 1.30 19.62
N THR A 123 -14.28 0.62 18.51
CA THR A 123 -14.98 -0.64 18.47
C THR A 123 -14.07 -1.86 18.81
N GLY A 124 -12.76 -1.64 18.88
CA GLY A 124 -11.82 -2.67 19.35
C GLY A 124 -10.74 -3.01 18.33
N ALA A 125 -9.85 -3.93 18.68
CA ALA A 125 -8.70 -4.22 17.85
C ALA A 125 -9.05 -4.90 16.51
N ALA A 126 -10.15 -5.66 16.46
CA ALA A 126 -10.56 -6.30 15.20
C ALA A 126 -10.84 -5.23 14.14
N ALA A 127 -11.44 -4.11 14.55
CA ALA A 127 -11.73 -3.00 13.66
C ALA A 127 -10.43 -2.32 13.22
N ARG A 128 -9.59 -2.06 14.20
CA ARG A 128 -8.26 -1.51 13.97
C ARG A 128 -7.41 -2.30 12.93
N TYR A 129 -7.45 -3.63 13.01
CA TYR A 129 -6.73 -4.48 12.07
C TYR A 129 -7.62 -5.07 10.93
N PHE A 130 -8.79 -4.48 10.70
CA PHE A 130 -9.76 -5.01 9.70
C PHE A 130 -9.12 -5.42 8.38
N HIS A 131 -8.25 -4.59 7.83
CA HIS A 131 -7.63 -4.85 6.53
C HIS A 131 -6.61 -5.96 6.52
N VAL A 132 -6.03 -6.25 7.69
CA VAL A 132 -5.24 -7.45 7.86
C VAL A 132 -6.11 -8.64 7.66
N TYR A 133 -7.29 -8.65 8.29
CA TYR A 133 -8.21 -9.78 8.16
C TYR A 133 -8.74 -9.93 6.73
N VAL A 134 -9.06 -8.82 6.07
CA VAL A 134 -9.46 -8.89 4.64
C VAL A 134 -8.27 -9.46 3.82
N PHE A 135 -7.05 -9.00 4.13
CA PHE A 135 -5.85 -9.51 3.44
C PHE A 135 -5.70 -11.01 3.59
N LEU A 136 -5.69 -11.50 4.84
CA LEU A 136 -5.51 -12.93 5.11
C LEU A 136 -6.63 -13.78 4.50
N ALA A 137 -7.88 -13.32 4.63
CA ALA A 137 -9.05 -14.00 4.02
C ALA A 137 -8.88 -14.17 2.50
N THR A 138 -8.23 -13.22 1.85
CA THR A 138 -8.19 -13.14 0.38
C THR A 138 -6.95 -13.81 -0.20
N LEU A 139 -6.02 -14.23 0.67
CA LEU A 139 -4.74 -14.84 0.23
C LEU A 139 -4.91 -16.08 -0.66
N PRO A 140 -5.82 -17.03 -0.31
CA PRO A 140 -5.99 -18.15 -1.22
C PRO A 140 -6.46 -17.78 -2.64
N ALA A 141 -7.43 -16.87 -2.76
CA ALA A 141 -7.83 -16.35 -4.07
C ALA A 141 -6.66 -15.65 -4.76
N LEU A 142 -5.94 -14.82 -4.03
CA LEU A 142 -4.83 -14.08 -4.62
C LEU A 142 -3.83 -15.07 -5.22
N ARG A 143 -3.47 -16.07 -4.42
CA ARG A 143 -2.54 -17.10 -4.81
C ARG A 143 -3.06 -17.94 -5.95
N ARG A 144 -4.36 -18.26 -5.95
CA ARG A 144 -4.90 -18.89 -7.14
C ARG A 144 -4.72 -18.04 -8.41
N PHE A 145 -4.97 -16.73 -8.30
CA PHE A 145 -4.74 -15.82 -9.45
C PHE A 145 -3.26 -15.78 -9.92
N HIS A 146 -2.35 -15.61 -8.98
CA HIS A 146 -0.93 -15.68 -9.26
C HIS A 146 -0.55 -16.96 -9.99
N ALA A 147 -0.99 -18.14 -9.50
CA ALA A 147 -0.70 -19.42 -10.20
C ALA A 147 -1.21 -19.48 -11.64
N THR A 148 -2.43 -18.99 -11.90
CA THR A 148 -2.95 -19.02 -13.27
C THR A 148 -2.07 -18.18 -14.18
N ARG A 149 -1.41 -17.16 -13.63
CA ARG A 149 -0.49 -16.31 -14.39
C ARG A 149 0.98 -16.78 -14.37
N ASP A 150 1.23 -17.92 -13.71
CA ASP A 150 2.56 -18.50 -13.52
C ASP A 150 3.55 -17.57 -12.80
N ILE A 151 3.03 -16.73 -11.89
CA ILE A 151 3.91 -15.88 -11.10
C ILE A 151 4.79 -16.80 -10.27
N PRO A 152 6.12 -16.61 -10.34
CA PRO A 152 6.98 -17.46 -9.50
C PRO A 152 6.64 -17.35 -7.98
N GLU A 153 6.85 -18.44 -7.24
CA GLU A 153 6.53 -18.46 -5.81
C GLU A 153 7.25 -17.34 -5.02
N ALA A 154 8.53 -17.13 -5.32
CA ALA A 154 9.32 -16.09 -4.66
C ALA A 154 8.76 -14.67 -4.87
N THR A 155 8.30 -14.35 -6.08
CA THR A 155 7.79 -13.00 -6.27
C THR A 155 6.43 -12.79 -5.60
N THR A 156 5.60 -13.82 -5.53
CA THR A 156 4.38 -13.78 -4.72
C THR A 156 4.75 -13.46 -3.25
N TRP A 157 5.65 -14.24 -2.64
CA TRP A 157 6.03 -13.99 -1.22
C TRP A 157 6.65 -12.66 -0.92
N GLU A 158 7.53 -12.18 -1.80
CA GLU A 158 8.12 -10.85 -1.67
C GLU A 158 7.08 -9.75 -1.86
N THR A 159 6.13 -9.97 -2.76
CA THR A 159 5.05 -9.01 -2.95
C THR A 159 4.17 -8.91 -1.70
N LEU A 160 3.81 -10.06 -1.14
CA LEU A 160 2.89 -10.15 -0.03
C LEU A 160 3.42 -9.46 1.24
N THR A 161 4.76 -9.37 1.39
CA THR A 161 5.37 -8.70 2.55
C THR A 161 4.99 -7.22 2.71
N GLN A 162 4.37 -6.62 1.70
CA GLN A 162 3.80 -5.27 1.90
C GLN A 162 2.89 -5.24 3.14
N LEU A 163 2.24 -6.33 3.49
CA LEU A 163 1.36 -6.31 4.68
C LEU A 163 2.15 -5.96 5.98
N GLY A 164 3.33 -6.57 6.17
CA GLY A 164 4.22 -6.20 7.29
C GLY A 164 4.54 -4.72 7.30
N GLU A 165 4.89 -4.19 6.14
CA GLU A 165 5.20 -2.75 5.99
C GLU A 165 4.05 -1.84 6.38
N SER A 166 2.86 -2.13 5.86
CA SER A 166 1.67 -1.35 6.20
C SER A 166 1.44 -1.28 7.70
N VAL A 167 1.57 -2.43 8.36
CA VAL A 167 1.39 -2.51 9.82
C VAL A 167 2.51 -1.74 10.54
N ALA A 168 3.75 -1.99 10.14
CA ALA A 168 4.93 -1.33 10.74
C ALA A 168 4.87 0.18 10.64
N ILE A 169 4.50 0.69 9.46
CA ILE A 169 4.40 2.13 9.26
C ILE A 169 3.34 2.74 10.17
N HIS A 170 2.21 2.06 10.32
CA HIS A 170 1.17 2.59 11.20
C HIS A 170 1.66 2.74 12.62
N ARG A 171 2.32 1.73 13.16
CA ARG A 171 2.82 1.79 14.52
C ARG A 171 3.95 2.81 14.65
N ARG A 172 4.73 2.99 13.59
CA ARG A 172 5.83 3.94 13.60
C ARG A 172 5.28 5.36 13.60
N LYS A 173 4.28 5.63 12.78
CA LYS A 173 3.68 6.95 12.75
C LYS A 173 2.85 7.30 14.00
N TYR A 174 1.98 6.39 14.44
CA TYR A 174 1.00 6.68 15.53
C TYR A 174 1.32 6.12 16.93
N GLY A 175 2.28 5.20 17.02
CA GLY A 175 2.55 4.54 18.29
C GLY A 175 1.43 3.61 18.71
N GLU A 176 0.62 3.16 17.74
CA GLU A 176 -0.48 2.23 17.99
C GLU A 176 -0.75 1.37 16.74
N GLY A 177 -1.52 0.31 16.91
CA GLY A 177 -1.77 -0.67 15.85
C GLY A 177 -2.65 -0.20 14.70
N GLY A 178 -2.33 -0.68 13.51
CA GLY A 178 -3.19 -0.45 12.36
C GLY A 178 -2.52 -0.81 11.05
N THR A 179 -3.16 -0.42 9.96
CA THR A 179 -2.63 -0.58 8.62
C THR A 179 -2.58 0.81 7.99
N ASN A 180 -1.41 1.19 7.52
CA ASN A 180 -1.22 2.39 6.73
C ASN A 180 -1.74 2.14 5.32
N MET A 181 -2.35 3.15 4.73
CA MET A 181 -2.76 3.13 3.32
C MET A 181 -3.41 1.81 2.84
N PRO A 182 -4.59 1.49 3.38
CA PRO A 182 -5.23 0.24 2.99
C PRO A 182 -5.63 0.15 1.51
N TRP A 183 -5.77 1.28 0.80
CA TRP A 183 -6.06 1.23 -0.64
C TRP A 183 -4.94 0.52 -1.37
N TRP A 184 -3.71 0.64 -0.87
CA TRP A 184 -2.56 -0.04 -1.49
C TRP A 184 -2.58 -1.54 -1.23
N LEU A 185 -2.78 -1.95 0.02
CA LEU A 185 -2.99 -3.38 0.32
C LEU A 185 -4.12 -3.97 -0.53
N THR A 186 -5.24 -3.24 -0.67
CA THR A 186 -6.37 -3.67 -1.52
C THR A 186 -5.95 -3.92 -2.97
N LEU A 187 -5.31 -2.95 -3.58
CA LEU A 187 -4.78 -3.11 -4.92
C LEU A 187 -3.81 -4.33 -5.08
N LEU A 188 -2.95 -4.51 -4.10
CA LEU A 188 -1.96 -5.59 -4.11
C LEU A 188 -2.63 -6.96 -3.98
N VAL A 189 -3.57 -7.07 -3.05
CA VAL A 189 -4.24 -8.34 -2.84
C VAL A 189 -5.29 -8.69 -3.91
N ARG A 190 -5.64 -7.71 -4.75
CA ARG A 190 -6.38 -7.94 -5.98
C ARG A 190 -5.49 -8.29 -7.17
N GLY A 191 -4.20 -8.63 -6.92
CA GLY A 191 -3.33 -9.15 -7.99
C GLY A 191 -2.83 -8.10 -8.96
N LEU A 192 -2.80 -6.85 -8.53
CA LEU A 192 -2.44 -5.71 -9.39
C LEU A 192 -1.14 -4.99 -9.01
N VAL A 193 -0.43 -5.51 -8.01
CA VAL A 193 0.87 -4.93 -7.62
C VAL A 193 1.86 -6.07 -7.51
N TYR A 194 3.04 -5.89 -8.10
CA TYR A 194 4.14 -6.89 -8.00
C TYR A 194 5.40 -6.22 -7.51
N ARG A 195 6.07 -6.83 -6.54
CA ARG A 195 7.37 -6.33 -6.14
C ARG A 195 8.45 -7.13 -6.86
N LEU A 196 9.33 -6.45 -7.59
CA LEU A 196 10.39 -7.13 -8.28
C LEU A 196 11.71 -6.59 -7.74
N GLY A 197 12.36 -7.36 -6.89
CA GLY A 197 13.56 -6.90 -6.20
C GLY A 197 13.20 -5.73 -5.30
N ARG A 198 13.83 -4.58 -5.52
CA ARG A 198 13.64 -3.42 -4.63
C ARG A 198 12.38 -2.59 -4.92
N LEU A 199 11.78 -2.74 -6.09
CA LEU A 199 10.74 -1.81 -6.52
C LEU A 199 9.41 -2.51 -6.71
N GLN A 200 8.32 -1.74 -6.58
CA GLN A 200 6.95 -2.26 -6.81
C GLN A 200 6.31 -1.62 -8.06
N TYR A 201 5.49 -2.38 -8.76
CA TYR A 201 4.89 -1.88 -9.99
C TYR A 201 3.42 -2.23 -9.92
N ASN A 202 2.55 -1.27 -10.21
CA ASN A 202 1.14 -1.60 -10.34
C ASN A 202 0.62 -1.42 -11.78
N LEU A 203 -0.23 -2.33 -12.18
CA LEU A 203 -0.78 -2.34 -13.51
C LEU A 203 -1.89 -1.30 -13.53
N ALA A 204 -1.62 -0.15 -14.13
CA ALA A 204 -2.58 0.97 -14.14
C ALA A 204 -3.04 1.32 -15.55
N VAL A 205 -3.99 2.24 -15.67
CA VAL A 205 -4.28 2.89 -16.95
C VAL A 205 -4.25 4.41 -16.76
N ALA A 206 -3.68 5.15 -17.72
CA ALA A 206 -3.54 6.61 -17.63
C ALA A 206 -4.86 7.30 -17.95
N LYS A 207 -4.91 8.63 -17.88
CA LYS A 207 -6.15 9.41 -18.20
C LYS A 207 -6.76 9.07 -19.56
N ASP A 208 -5.92 8.85 -20.58
CA ASP A 208 -6.38 8.55 -21.93
C ASP A 208 -6.65 7.07 -22.20
N GLY A 209 -6.64 6.25 -21.15
CA GLY A 209 -6.95 4.83 -21.26
C GLY A 209 -5.82 3.90 -21.67
N THR A 210 -4.63 4.46 -21.92
CA THR A 210 -3.49 3.64 -22.33
C THR A 210 -2.78 3.00 -21.11
N PRO A 211 -2.44 1.72 -21.22
CA PRO A 211 -1.80 1.00 -20.10
C PRO A 211 -0.50 1.69 -19.63
N VAL A 212 -0.28 1.72 -18.31
CA VAL A 212 0.95 2.29 -17.74
C VAL A 212 1.33 1.53 -16.45
N LEU A 213 2.61 1.53 -16.09
CA LEU A 213 3.04 0.94 -14.82
C LEU A 213 3.19 2.02 -13.76
N GLY A 214 2.47 1.92 -12.65
CA GLY A 214 2.72 2.82 -11.54
C GLY A 214 3.95 2.28 -10.83
N LEU A 215 4.95 3.11 -10.60
CA LEU A 215 6.18 2.65 -9.94
C LEU A 215 6.19 3.21 -8.53
N HIS A 216 6.47 2.36 -7.53
CA HIS A 216 6.51 2.75 -6.11
C HIS A 216 7.75 2.21 -5.43
N ILE A 217 8.37 3.05 -4.60
CA ILE A 217 9.55 2.64 -3.82
C ILE A 217 9.15 2.33 -2.38
N PRO A 218 9.11 1.05 -2.01
CA PRO A 218 8.68 0.81 -0.64
C PRO A 218 9.80 1.14 0.32
N GLU A 219 9.42 1.29 1.58
CA GLU A 219 10.36 1.64 2.63
C GLU A 219 11.30 0.52 2.98
N VAL A 220 10.78 -0.71 3.05
CA VAL A 220 11.56 -1.90 3.42
C VAL A 220 12.49 -2.25 2.24
N GLY A 221 13.77 -2.39 2.51
CA GLY A 221 14.71 -2.82 1.48
C GLY A 221 16.02 -2.07 1.47
N GLY A 222 16.14 -1.02 2.29
CA GLY A 222 17.37 -0.24 2.39
C GLY A 222 17.58 0.83 1.28
N PRO A 223 18.75 1.48 1.27
CA PRO A 223 19.04 2.56 0.36
C PRO A 223 18.93 2.12 -1.09
N LEU A 224 18.55 3.07 -1.94
CA LEU A 224 18.35 2.75 -3.35
C LEU A 224 19.68 2.79 -4.12
N ILE A 225 20.59 1.85 -3.88
CA ILE A 225 21.81 1.84 -4.68
C ILE A 225 21.45 1.57 -6.16
N PRO A 226 22.18 2.22 -7.06
CA PRO A 226 21.93 2.06 -8.51
C PRO A 226 21.77 0.61 -8.98
N ASP A 227 22.57 -0.32 -8.44
CA ASP A 227 22.54 -1.71 -8.87
C ASP A 227 21.18 -2.37 -8.58
N ILE A 228 20.61 -2.08 -7.42
CA ILE A 228 19.33 -2.69 -7.10
C ILE A 228 18.19 -1.97 -7.84
N TYR A 229 18.32 -0.67 -8.07
CA TYR A 229 17.34 0.07 -8.86
C TYR A 229 17.27 -0.45 -10.31
N TYR A 230 18.43 -0.53 -10.97
CA TYR A 230 18.44 -0.95 -12.38
C TYR A 230 18.15 -2.41 -12.59
N ASP A 231 18.58 -3.24 -11.64
CA ASP A 231 18.25 -4.64 -11.77
C ASP A 231 16.71 -4.86 -11.78
N SER A 232 15.99 -4.14 -10.91
CA SER A 232 14.53 -4.18 -10.90
C SER A 232 13.94 -3.59 -12.18
N LEU A 233 14.33 -2.37 -12.51
CA LEU A 233 13.80 -1.65 -13.67
C LEU A 233 13.96 -2.48 -14.97
N ARG A 234 15.12 -3.10 -15.18
CA ARG A 234 15.29 -4.03 -16.35
C ARG A 234 14.40 -5.27 -16.42
N ARG A 235 13.98 -5.77 -15.26
CA ARG A 235 13.11 -6.95 -15.19
C ARG A 235 11.61 -6.64 -15.44
N ALA A 236 11.20 -5.38 -15.30
CA ALA A 236 9.77 -5.01 -15.33
C ALA A 236 9.12 -5.38 -16.65
N ARG A 237 9.58 -4.78 -17.74
CA ARG A 237 9.03 -5.07 -19.08
C ARG A 237 8.90 -6.54 -19.41
N PRO A 238 9.97 -7.34 -19.26
CA PRO A 238 9.73 -8.74 -19.64
C PRO A 238 8.89 -9.53 -18.63
N PHE A 239 8.88 -9.11 -17.37
CA PHE A 239 8.05 -9.78 -16.37
C PHE A 239 6.57 -9.63 -16.76
N PHE A 240 6.17 -8.40 -17.08
CA PHE A 240 4.76 -8.12 -17.34
C PHE A 240 4.33 -8.61 -18.73
N GLU A 241 5.28 -8.74 -19.64
CA GLU A 241 5.04 -9.33 -20.96
C GLU A 241 4.84 -10.84 -20.81
N ARG A 242 5.68 -11.46 -20.00
CA ARG A 242 5.52 -12.88 -19.72
C ARG A 242 4.18 -13.18 -19.00
N HIS A 243 3.82 -12.38 -18.00
CA HIS A 243 2.69 -12.74 -17.14
C HIS A 243 1.39 -12.00 -17.39
N PHE A 244 1.48 -10.80 -17.97
CA PHE A 244 0.30 -9.96 -18.28
C PHE A 244 0.40 -9.40 -19.68
N PRO A 245 0.59 -10.29 -20.69
CA PRO A 245 0.70 -9.80 -22.07
C PRO A 245 -0.43 -8.87 -22.49
N GLU A 246 -1.64 -9.02 -21.92
CA GLU A 246 -2.81 -8.18 -22.24
C GLU A 246 -2.63 -6.72 -21.87
N HIS A 247 -1.80 -6.47 -20.86
CA HIS A 247 -1.68 -5.11 -20.35
C HIS A 247 -0.95 -4.24 -21.33
N GLY A 248 0.31 -4.56 -21.59
CA GLY A 248 1.13 -3.90 -22.63
C GLY A 248 1.77 -2.55 -22.35
N ALA A 249 2.08 -2.24 -21.08
CA ALA A 249 2.63 -0.91 -20.76
C ALA A 249 4.05 -0.72 -21.31
N ARG A 250 4.36 0.49 -21.79
CA ARG A 250 5.71 0.82 -22.23
C ARG A 250 6.36 1.90 -21.38
N ALA A 251 5.54 2.69 -20.69
CA ALA A 251 6.02 3.71 -19.75
C ALA A 251 5.74 3.38 -18.25
N ALA A 252 6.43 4.09 -17.37
CA ALA A 252 6.12 4.04 -15.94
C ALA A 252 5.92 5.47 -15.43
N THR A 253 5.05 5.63 -14.43
CA THR A 253 4.74 6.93 -13.87
C THR A 253 4.87 6.93 -12.34
N GLY A 254 5.09 8.12 -11.78
CA GLY A 254 5.14 8.28 -10.35
C GLY A 254 5.10 9.75 -10.03
N THR A 255 4.57 10.06 -8.86
CA THR A 255 4.55 11.41 -8.36
C THR A 255 5.16 11.40 -6.97
N SER A 256 6.09 12.29 -6.67
CA SER A 256 6.81 12.17 -5.40
C SER A 256 7.59 13.41 -4.99
N TRP A 257 7.84 13.51 -3.69
CA TRP A 257 8.78 14.49 -3.16
C TRP A 257 10.17 14.27 -3.69
N LEU A 258 10.49 13.03 -4.06
CA LEU A 258 11.81 12.63 -4.59
C LEU A 258 12.18 13.29 -5.90
N LEU A 259 11.17 13.84 -6.60
CA LEU A 259 11.43 14.47 -7.90
C LEU A 259 11.49 15.99 -7.86
N ASP A 260 11.40 16.57 -6.66
CA ASP A 260 11.49 18.02 -6.46
C ASP A 260 12.89 18.52 -6.79
N PRO A 261 13.02 19.42 -7.79
CA PRO A 261 14.37 19.93 -8.13
C PRO A 261 15.14 20.48 -6.91
N GLN A 262 14.44 21.07 -5.94
CA GLN A 262 15.08 21.69 -4.74
C GLN A 262 15.99 20.77 -3.90
N LEU A 263 15.83 19.46 -4.05
CA LEU A 263 16.64 18.50 -3.32
C LEU A 263 18.10 18.66 -3.70
N ALA A 264 18.36 19.13 -4.93
CA ALA A 264 19.73 19.35 -5.42
C ALA A 264 20.44 20.47 -4.66
N GLU A 265 19.67 21.28 -3.94
CA GLU A 265 20.22 22.37 -3.14
C GLU A 265 20.89 21.84 -1.86
N TYR A 266 20.48 20.64 -1.46
CA TYR A 266 20.78 20.09 -0.14
C TYR A 266 21.59 18.82 -0.12
N LEU A 267 21.31 17.93 -1.05
CA LEU A 267 21.87 16.59 -1.02
C LEU A 267 23.22 16.58 -1.69
N ALA A 268 24.06 15.63 -1.27
CA ALA A 268 25.44 15.56 -1.74
C ALA A 268 25.51 15.00 -3.14
N GLU A 269 26.62 15.27 -3.81
CA GLU A 269 26.81 14.94 -5.21
C GLU A 269 26.59 13.46 -5.53
N ASP A 270 26.97 12.56 -4.63
CA ASP A 270 26.79 11.14 -4.89
C ASP A 270 25.41 10.54 -4.46
N SER A 271 24.43 11.41 -4.19
CA SER A 271 23.08 10.98 -3.80
C SER A 271 22.45 10.04 -4.79
N HIS A 272 21.98 8.89 -4.33
CA HIS A 272 21.30 7.93 -5.21
C HIS A 272 20.07 8.59 -5.83
N ILE A 273 19.36 9.42 -5.06
CA ILE A 273 18.14 10.11 -5.53
C ILE A 273 18.50 11.04 -6.70
N LEU A 274 19.52 11.88 -6.51
CA LEU A 274 19.89 12.83 -7.55
C LEU A 274 20.37 12.13 -8.82
N GLN A 275 21.21 11.13 -8.65
CA GLN A 275 21.64 10.36 -9.81
C GLN A 275 20.47 9.64 -10.52
N LEU A 276 19.68 8.88 -9.77
CA LEU A 276 18.71 7.97 -10.42
C LEU A 276 17.54 8.69 -11.06
N ARG A 277 17.15 9.82 -10.51
CA ARG A 277 16.02 10.59 -11.05
C ARG A 277 16.32 11.27 -12.42
N ARG A 278 17.59 11.40 -12.78
CA ARG A 278 17.96 11.92 -14.11
C ARG A 278 17.38 11.06 -15.25
N GLY A 279 16.96 9.83 -14.94
CA GLY A 279 16.40 8.93 -15.95
C GLY A 279 14.93 9.20 -16.15
N TRP A 280 14.39 10.11 -15.35
CA TRP A 280 12.96 10.43 -15.36
C TRP A 280 12.71 11.72 -16.06
N THR A 281 11.60 11.82 -16.78
CA THR A 281 11.23 13.10 -17.38
C THR A 281 10.09 13.78 -16.61
N LEU A 282 10.29 15.02 -16.18
CA LEU A 282 9.30 15.71 -15.35
C LEU A 282 8.13 16.24 -16.18
N LEU A 283 6.90 15.92 -15.78
CA LEU A 283 5.73 16.51 -16.40
C LEU A 283 5.58 17.96 -15.90
N ASP A 284 5.28 18.87 -16.83
CA ASP A 284 4.94 20.25 -16.41
C ASP A 284 3.46 20.31 -16.07
N SER A 285 3.17 20.71 -14.83
CA SER A 285 1.79 20.85 -14.40
C SER A 285 1.74 21.76 -13.17
N GLU A 286 0.52 22.16 -12.80
CA GLU A 286 0.26 23.07 -11.68
C GLU A 286 0.99 22.65 -10.38
N PRO A 287 1.48 23.65 -9.60
CA PRO A 287 2.25 23.25 -8.41
C PRO A 287 1.54 22.22 -7.49
N GLN A 288 2.31 21.25 -7.00
CA GLN A 288 1.78 20.26 -6.06
C GLN A 288 2.48 20.37 -4.70
N ASP A 289 1.74 20.78 -3.69
CA ASP A 289 2.29 21.04 -2.36
C ASP A 289 2.87 19.77 -1.79
N GLY A 290 4.08 19.85 -1.25
CA GLY A 290 4.79 18.66 -0.80
C GLY A 290 5.28 18.63 0.62
N ASP A 291 4.90 19.63 1.43
CA ASP A 291 5.33 19.66 2.82
C ASP A 291 4.83 18.42 3.59
N ASP A 292 3.54 18.13 3.47
CA ASP A 292 2.96 16.95 4.15
C ASP A 292 3.66 15.67 3.70
N ALA A 293 3.82 15.54 2.39
CA ALA A 293 4.34 14.30 1.84
C ALA A 293 5.81 14.05 2.21
N ILE A 294 6.64 15.09 2.16
CA ILE A 294 8.04 14.93 2.55
C ILE A 294 8.20 14.63 4.05
N LEU A 295 7.39 15.30 4.87
CA LEU A 295 7.36 15.05 6.30
C LEU A 295 6.89 13.64 6.57
N GLU A 296 5.95 13.16 5.73
CA GLU A 296 5.47 11.80 5.83
C GLU A 296 6.57 10.79 5.55
N PHE A 297 7.22 10.91 4.40
CA PHE A 297 8.12 9.85 3.98
C PHE A 297 9.51 10.00 4.59
N VAL A 298 9.84 11.18 5.11
CA VAL A 298 11.14 11.34 5.75
C VAL A 298 11.05 11.09 7.27
N PHE A 299 9.92 11.45 7.88
CA PHE A 299 9.78 11.33 9.35
C PHE A 299 8.59 10.53 9.83
N ARG A 300 7.67 10.21 8.94
CA ARG A 300 6.42 9.53 9.31
C ARG A 300 5.73 10.43 10.33
N TYR A 301 5.77 11.71 9.96
CA TYR A 301 5.39 12.84 10.77
C TYR A 301 4.01 12.68 11.36
N ASN A 302 3.87 13.10 12.62
CA ASN A 302 2.58 13.10 13.29
C ASN A 302 2.30 14.37 14.11
N GLY A 303 2.53 15.55 13.52
CA GLY A 303 2.22 16.82 14.17
C GLY A 303 3.15 17.30 15.29
N GLN A 304 4.24 16.59 15.56
CA GLN A 304 5.15 17.06 16.65
C GLN A 304 5.89 18.36 16.27
N PRO A 305 6.35 19.13 17.26
CA PRO A 305 7.13 20.34 16.90
C PRO A 305 8.36 19.98 16.06
N LEU A 306 8.62 20.79 15.03
CA LEU A 306 9.72 20.55 14.12
C LEU A 306 11.08 20.37 14.78
N GLU A 307 11.36 21.12 15.83
CA GLU A 307 12.66 21.04 16.55
C GLU A 307 12.83 19.72 17.32
N GLU A 308 11.72 19.01 17.48
CA GLU A 308 11.72 17.71 18.15
C GLU A 308 12.11 16.56 17.21
N LEU A 309 12.08 16.79 15.89
CA LEU A 309 12.36 15.72 14.91
C LEU A 309 13.82 15.27 14.90
N PRO A 310 14.07 13.99 14.54
CA PRO A 310 15.49 13.55 14.44
C PRO A 310 16.26 14.35 13.37
N GLN A 311 17.54 14.59 13.63
CA GLN A 311 18.36 15.40 12.74
C GLN A 311 19.71 14.70 12.42
N ARG A 312 19.67 13.40 12.13
CA ARG A 312 20.87 12.64 11.75
C ARG A 312 21.32 12.79 10.29
N SER A 313 20.44 12.48 9.35
CA SER A 313 20.86 12.46 7.94
C SER A 313 20.85 13.86 7.36
N THR A 314 21.57 14.05 6.27
CA THR A 314 21.59 15.36 5.65
C THR A 314 20.22 15.69 5.11
N LEU A 315 19.42 14.70 4.72
CA LEU A 315 18.03 14.97 4.32
C LEU A 315 17.12 15.44 5.48
N GLU A 316 17.23 14.79 6.64
CA GLU A 316 16.47 15.20 7.84
C GLU A 316 16.76 16.66 8.20
N LYS A 317 18.05 17.00 8.19
CA LYS A 317 18.51 18.37 8.44
C LYS A 317 17.89 19.32 7.41
N ALA A 318 18.04 18.98 6.13
CA ALA A 318 17.48 19.75 4.99
C ALA A 318 15.98 20.00 5.08
N VAL A 319 15.21 18.95 5.36
CA VAL A 319 13.76 19.10 5.40
C VAL A 319 13.39 20.15 6.45
N VAL A 320 13.88 19.97 7.67
CA VAL A 320 13.62 20.89 8.79
C VAL A 320 14.12 22.31 8.55
N THR A 321 15.40 22.44 8.13
CA THR A 321 15.96 23.76 7.92
C THR A 321 15.17 24.54 6.87
N HIS A 322 14.81 23.86 5.76
CA HIS A 322 14.04 24.47 4.68
C HIS A 322 12.70 25.00 5.17
N LEU A 323 11.97 24.16 5.90
CA LEU A 323 10.67 24.52 6.47
C LEU A 323 10.76 25.63 7.53
N LEU A 324 11.74 25.53 8.44
CA LEU A 324 11.96 26.56 9.47
C LEU A 324 12.33 27.92 8.86
N ALA A 325 12.99 27.89 7.70
CA ALA A 325 13.33 29.12 6.98
C ALA A 325 12.14 29.72 6.23
N GLY A 326 10.95 29.14 6.40
CA GLY A 326 9.73 29.65 5.73
C GLY A 326 9.62 29.31 4.25
N ARG A 327 10.38 28.31 3.81
CA ARG A 327 10.36 27.81 2.41
C ARG A 327 9.54 26.52 2.27
N HIS A 328 9.27 26.09 1.03
CA HIS A 328 8.36 24.95 0.80
C HIS A 328 8.85 23.85 -0.10
N TRP A 329 8.35 22.63 0.17
CA TRP A 329 8.64 21.46 -0.65
C TRP A 329 7.53 21.16 -1.62
N TYR A 330 7.91 20.65 -2.80
CA TYR A 330 6.92 20.23 -3.82
C TYR A 330 7.06 18.75 -4.23
N GLN A 331 5.93 18.14 -4.57
CA GLN A 331 5.91 16.86 -5.26
C GLN A 331 5.92 17.13 -6.75
N ARG A 332 6.59 16.27 -7.51
CA ARG A 332 6.48 16.35 -8.98
C ARG A 332 6.07 15.01 -9.55
N SER A 333 5.39 15.07 -10.69
CA SER A 333 5.01 13.89 -11.46
C SER A 333 6.01 13.66 -12.55
N GLY A 334 6.33 12.40 -12.80
CA GLY A 334 7.35 12.10 -13.79
C GLY A 334 6.98 10.84 -14.55
N ARG A 335 7.69 10.57 -15.64
CA ARG A 335 7.58 9.29 -16.37
C ARG A 335 8.95 8.77 -16.81
N ILE A 336 9.03 7.45 -16.95
CA ILE A 336 10.03 6.77 -17.81
C ILE A 336 9.36 6.22 -19.11
N GLU A 337 10.10 6.05 -20.24
CA GLU A 337 9.88 4.91 -21.26
C GLU A 337 10.83 3.61 -21.21
N LEU A 338 10.25 2.43 -20.90
CA LEU A 338 10.98 1.35 -20.19
C LEU A 338 12.01 0.54 -20.95
N PRO A 339 13.11 0.15 -20.25
CA PRO A 339 14.21 -0.58 -20.89
C PRO A 339 13.84 -2.02 -21.17
CCG MFK B . 15.29 8.03 -7.54
CCF MFK B . 14.73 7.77 -8.93
CCE MFK B . 13.29 7.31 -8.82
CCD MFK B . 12.41 8.54 -8.65
CCC MFK B . 11.01 8.17 -9.08
CCB MFK B . 10.07 8.26 -7.91
CCA MFK B . 8.66 8.24 -8.46
CBZ MFK B . 7.98 6.96 -7.98
CAK MFK B . 6.88 7.31 -7.00
CAJ MFK B . 7.21 6.71 -5.62
OAL MFK B . 7.80 5.63 -5.49
SAI MFK B . 6.63 7.69 -4.28
CAH MFK B . 7.26 6.76 -2.82
CAG MFK B . 8.77 6.92 -2.62
NAF MFK B . 9.13 6.06 -1.48
CAE MFK B . 9.71 6.55 -0.35
OAM MFK B . 10.02 7.72 -0.19
CAD MFK B . 10.00 5.49 0.73
CAC MFK B . 10.86 6.10 1.84
NAB MFK B . 12.12 6.65 1.30
CAA MFK B . 13.23 5.90 1.36
OAO MFK B . 13.25 4.77 1.86
CAN MFK B . 14.52 6.54 0.83
OAU MFK B . 14.34 7.96 0.61
CAP MFK B . 15.05 5.86 -0.45
CAR MFK B . 13.99 5.90 -1.54
CAS MFK B . 15.44 4.40 -0.23
CAQ MFK B . 16.28 6.62 -0.94
OAT MFK B . 17.25 6.58 0.08
PAV MFK B . 18.83 6.60 -0.21
OAX MFK B . 19.20 5.57 -1.19
OAW MFK B . 19.54 6.62 1.11
OAY MFK B . 18.88 8.05 -0.91
PAZ MFK B . 20.16 9.00 -1.10
OBA MFK B . 19.72 10.06 -2.19
OBB MFK B . 21.38 8.28 -1.53
O5' MFK B . 20.25 9.89 0.23
C5' MFK B . 21.22 10.90 0.43
C4' MFK B . 21.02 11.45 1.85
O4' MFK B . 19.61 11.59 2.27
C3' MFK B . 21.61 10.51 2.87
O3' MFK B . 22.05 11.31 3.97
PBV MFK B . 23.51 11.01 4.61
OBW MFK B . 23.26 9.66 5.39
OBY MFK B . 23.72 12.24 5.65
OBX MFK B . 24.59 10.79 3.67
C2' MFK B . 20.39 9.67 3.25
O2' MFK B . 20.52 8.99 4.48
C1' MFK B . 19.32 10.71 3.36
N9 MFK B . 17.96 10.11 3.18
C8 MFK B . 17.42 9.71 2.03
N7 MFK B . 16.19 9.25 2.29
C5 MFK B . 15.96 9.42 3.61
C4 MFK B . 17.06 9.95 4.14
N3 MFK B . 17.10 10.26 5.45
C2 MFK B . 16.02 9.95 6.42
N1 MFK B . 14.87 9.36 5.71
C6 MFK B . 14.89 9.14 4.39
N6 MFK B . 13.82 8.62 3.80
NA NA C . -18.35 -4.75 -9.41
S SO4 D . -17.34 -17.04 16.45
O1 SO4 D . -17.99 -17.20 17.78
O2 SO4 D . -17.84 -15.81 15.83
O3 SO4 D . -17.64 -18.22 15.58
O4 SO4 D . -15.88 -16.86 16.65
#